data_8HO6
#
_entry.id   8HO6
#
_cell.length_a   69.170
_cell.length_b   72.350
_cell.length_c   79.390
_cell.angle_alpha   90.00
_cell.angle_beta   90.00
_cell.angle_gamma   90.00
#
_symmetry.space_group_name_H-M   'P 21 21 21'
#
loop_
_entity.id
_entity.type
_entity.pdbx_description
1 polymer 'ScRIPK kinase protein'
2 non-polymer "ADENOSINE-5'-TRIPHOSPHATE"
3 non-polymer 'MAGNESIUM ION'
4 water water
#
_entity_poly.entity_id   1
_entity_poly.type   'polypeptide(L)'
_entity_poly.pdbx_seq_one_letter_code
;MGSSHHHHHHSQGSMSLVGSNLHVFTIAELRAVTRDFSMTNFIGEGGFGPVYKGYVHDKTKPGLAAQTVAVKLLDLEGGQ
GHTEWQTEVFFLGQLRHPHLVKLIGYCYEDEHRLLVYEFMTRGSLEKHLFKKYAASLPWSTRLKIAIGAAKGLAFLHEAE
KPVIYRDFKTSNILLDSDYKAKLSDFGLAKDGPEDDE(TPO)HV(SEP)(TPO)RVMGTQGYAAPEYIMTGHLTAKSDVY
GYGVVLLELLSGRKAVDKTRPPREQSLVEWARPYLTDARRLDRVMDPSLAGQYSTRAAHKAAAVAHQCVALNPKSRPHMS
AVVDALEPLLALDDCIVG
;
_entity_poly.pdbx_strand_id   A
#
# COMPACT_ATOMS: atom_id res chain seq x y z
N ASN A 21 15.06 -2.82 -19.56
CA ASN A 21 14.55 -2.00 -18.47
C ASN A 21 13.06 -1.67 -18.70
N LEU A 22 12.71 -0.39 -18.67
CA LEU A 22 11.32 0.02 -18.89
C LEU A 22 11.04 0.13 -20.39
N HIS A 23 9.84 -0.25 -20.80
CA HIS A 23 9.42 -0.06 -22.19
C HIS A 23 8.75 1.30 -22.36
N VAL A 24 9.03 1.96 -23.49
CA VAL A 24 8.40 3.22 -23.84
C VAL A 24 7.24 2.92 -24.79
N PHE A 25 6.03 3.31 -24.41
CA PHE A 25 4.83 3.11 -25.21
C PHE A 25 4.39 4.44 -25.78
N THR A 26 3.67 4.37 -26.89
CA THR A 26 2.99 5.52 -27.48
C THR A 26 1.51 5.47 -27.10
N ILE A 27 0.86 6.63 -27.22
CA ILE A 27 -0.58 6.69 -27.00
C ILE A 27 -1.29 5.69 -27.91
N ALA A 28 -0.86 5.62 -29.17
CA ALA A 28 -1.53 4.72 -30.10
C ALA A 28 -1.42 3.28 -29.63
N GLU A 29 -0.26 2.91 -29.11
CA GLU A 29 -0.08 1.55 -28.60
C GLU A 29 -0.96 1.28 -27.38
N LEU A 30 -1.08 2.25 -26.47
CA LEU A 30 -1.89 2.00 -25.29
C LEU A 30 -3.38 2.05 -25.63
N ARG A 31 -3.76 2.83 -26.64
CA ARG A 31 -5.12 2.73 -27.15
C ARG A 31 -5.42 1.32 -27.64
N ALA A 32 -4.49 0.72 -28.40
CA ALA A 32 -4.70 -0.67 -28.83
C ALA A 32 -4.74 -1.60 -27.62
N VAL A 33 -3.85 -1.38 -26.66
CA VAL A 33 -3.70 -2.30 -25.53
C VAL A 33 -4.97 -2.34 -24.66
N THR A 34 -5.70 -1.22 -24.56
CA THR A 34 -6.82 -1.09 -23.62
C THR A 34 -8.18 -1.05 -24.32
N ARG A 35 -8.26 -1.46 -25.58
CA ARG A 35 -9.47 -1.33 -26.39
C ARG A 35 -9.95 0.12 -26.38
N ASP A 36 -9.02 1.02 -26.68
CA ASP A 36 -9.25 2.48 -26.66
C ASP A 36 -9.85 2.96 -25.34
N PHE A 37 -9.22 2.52 -24.24
CA PHE A 37 -9.63 2.92 -22.87
C PHE A 37 -11.14 2.73 -22.70
N SER A 38 -11.62 1.55 -23.10
CA SER A 38 -13.07 1.21 -22.98
C SER A 38 -13.45 1.17 -21.50
N MET A 39 -14.72 1.52 -21.19
CA MET A 39 -15.20 1.54 -19.78
C MET A 39 -15.29 0.12 -19.19
N THR A 40 -15.42 -0.92 -20.03
CA THR A 40 -15.44 -2.33 -19.59
C THR A 40 -14.07 -2.73 -19.01
N ASN A 41 -12.99 -2.10 -19.47
CA ASN A 41 -11.62 -2.36 -18.96
C ASN A 41 -11.34 -1.51 -17.70
N PHE A 42 -12.28 -0.68 -17.24
CA PHE A 42 -11.97 0.13 -16.06
C PHE A 42 -11.75 -0.78 -14.86
N ILE A 43 -10.64 -0.59 -14.15
CA ILE A 43 -10.31 -1.40 -12.99
C ILE A 43 -10.00 -0.59 -11.75
N GLY A 44 -10.09 0.74 -11.80
CA GLY A 44 -9.92 1.54 -10.60
C GLY A 44 -9.35 2.91 -10.93
N GLU A 45 -9.24 3.74 -9.88
CA GLU A 45 -8.79 5.12 -10.07
C GLU A 45 -8.29 5.66 -8.74
N GLY A 46 -7.62 6.81 -8.84
CA GLY A 46 -7.19 7.59 -7.68
C GLY A 46 -6.99 9.05 -8.03
N GLY A 47 -6.24 9.78 -7.21
CA GLY A 47 -6.00 11.20 -7.49
C GLY A 47 -5.21 11.45 -8.75
N PHE A 48 -4.42 10.47 -9.21
CA PHE A 48 -3.64 10.62 -10.43
C PHE A 48 -4.55 10.45 -11.64
N GLY A 49 -5.38 9.42 -11.64
CA GLY A 49 -6.33 9.21 -12.71
C GLY A 49 -6.87 7.80 -12.70
N PRO A 50 -7.62 7.45 -13.75
CA PRO A 50 -8.21 6.11 -13.84
C PRO A 50 -7.22 5.10 -14.39
N VAL A 51 -7.52 3.82 -14.12
CA VAL A 51 -6.67 2.70 -14.48
C VAL A 51 -7.50 1.71 -15.29
N TYR A 52 -6.89 1.17 -16.36
CA TYR A 52 -7.58 0.32 -17.32
C TYR A 52 -6.82 -0.98 -17.49
N LYS A 53 -7.54 -2.09 -17.44
CA LYS A 53 -7.01 -3.38 -17.84
C LYS A 53 -6.63 -3.34 -19.32
N GLY A 54 -5.50 -3.96 -19.65
CA GLY A 54 -5.02 -4.02 -21.05
C GLY A 54 -4.30 -5.32 -21.32
N TYR A 55 -4.09 -5.64 -22.60
CA TYR A 55 -3.35 -6.88 -22.94
C TYR A 55 -2.26 -6.56 -23.98
N VAL A 56 -1.03 -6.97 -23.69
CA VAL A 56 0.11 -6.74 -24.63
C VAL A 56 0.31 -8.05 -25.40
N HIS A 57 0.50 -7.96 -26.72
CA HIS A 57 0.67 -9.18 -27.55
C HIS A 57 2.17 -9.46 -27.79
N ASP A 58 2.47 -10.56 -28.49
CA ASP A 58 3.86 -10.94 -28.81
C ASP A 58 4.50 -9.84 -29.67
N LEU A 64 9.55 -8.32 -24.41
CA LEU A 64 8.36 -8.19 -23.52
C LEU A 64 7.39 -9.35 -23.78
N ALA A 65 7.12 -10.15 -22.75
CA ALA A 65 6.21 -11.31 -22.88
C ALA A 65 4.76 -10.82 -22.91
N ALA A 66 3.87 -11.56 -23.58
CA ALA A 66 2.44 -11.19 -23.65
C ALA A 66 1.83 -11.41 -22.26
N GLN A 67 1.06 -10.43 -21.77
CA GLN A 67 0.46 -10.54 -20.41
C GLN A 67 -0.61 -9.45 -20.21
N THR A 68 -1.46 -9.64 -19.20
CA THR A 68 -2.51 -8.65 -18.82
C THR A 68 -1.82 -7.56 -18.01
N VAL A 69 -1.99 -6.30 -18.40
CA VAL A 69 -1.30 -5.16 -17.82
C VAL A 69 -2.34 -4.21 -17.26
N ALA A 70 -1.87 -3.28 -16.41
CA ALA A 70 -2.69 -2.19 -15.88
C ALA A 70 -2.12 -0.86 -16.37
N VAL A 71 -2.97 -0.04 -16.96
CA VAL A 71 -2.54 1.21 -17.60
C VAL A 71 -3.18 2.37 -16.84
N LYS A 72 -2.35 3.17 -16.16
CA LYS A 72 -2.81 4.29 -15.38
C LYS A 72 -2.59 5.57 -16.17
N LEU A 73 -3.63 6.39 -16.27
CA LEU A 73 -3.60 7.57 -17.10
C LEU A 73 -3.70 8.81 -16.22
N LEU A 74 -2.88 9.83 -16.52
CA LEU A 74 -2.91 11.07 -15.75
C LEU A 74 -4.14 11.88 -16.15
N ASP A 75 -4.96 12.24 -15.17
CA ASP A 75 -6.07 13.16 -15.35
C ASP A 75 -5.51 14.58 -15.25
N LEU A 76 -5.59 15.34 -16.37
CA LEU A 76 -4.93 16.63 -16.48
C LEU A 76 -5.62 17.75 -15.71
N GLU A 77 -6.84 17.54 -15.25
CA GLU A 77 -7.51 18.53 -14.40
C GLU A 77 -7.38 18.21 -12.93
N GLY A 78 -6.78 17.07 -12.58
CA GLY A 78 -6.71 16.66 -11.20
C GLY A 78 -5.62 17.40 -10.45
N GLY A 79 -5.40 16.95 -9.22
CA GLY A 79 -4.42 17.57 -8.35
C GLY A 79 -3.01 17.03 -8.46
N GLN A 80 -2.78 16.04 -9.31
CA GLN A 80 -1.45 15.46 -9.47
C GLN A 80 -0.94 15.80 -10.87
N GLY A 81 0.24 15.31 -11.20
CA GLY A 81 0.78 15.62 -12.50
C GLY A 81 2.12 14.98 -12.76
N HIS A 82 2.99 15.69 -13.48
CA HIS A 82 4.23 15.12 -13.97
C HIS A 82 5.14 14.66 -12.82
N THR A 83 5.17 15.42 -11.72
CA THR A 83 6.04 15.07 -10.59
C THR A 83 5.75 13.67 -10.08
N GLU A 84 4.47 13.37 -9.80
CA GLU A 84 4.11 12.04 -9.33
C GLU A 84 4.43 10.98 -10.37
N TRP A 85 4.17 11.28 -11.65
CA TRP A 85 4.51 10.34 -12.71
C TRP A 85 5.99 10.03 -12.73
N GLN A 86 6.83 11.08 -12.78
CA GLN A 86 8.29 10.87 -12.83
C GLN A 86 8.81 10.16 -11.58
N THR A 87 8.19 10.41 -10.42
CA THR A 87 8.59 9.74 -9.19
C THR A 87 8.42 8.23 -9.30
N GLU A 88 7.26 7.78 -9.80
CA GLU A 88 7.03 6.34 -9.98
C GLU A 88 8.03 5.74 -10.96
N VAL A 89 8.24 6.40 -12.11
CA VAL A 89 9.17 5.88 -13.10
C VAL A 89 10.55 5.74 -12.50
N PHE A 90 10.99 6.77 -11.77
CA PHE A 90 12.31 6.76 -11.15
C PHE A 90 12.47 5.62 -10.15
N PHE A 91 11.53 5.51 -9.21
CA PHE A 91 11.64 4.50 -8.12
C PHE A 91 11.30 3.09 -8.60
N LEU A 92 10.20 2.92 -9.33
CA LEU A 92 9.78 1.57 -9.80
C LEU A 92 10.70 1.04 -10.90
N GLY A 93 11.41 1.92 -11.61
CA GLY A 93 12.35 1.49 -12.67
C GLY A 93 13.66 0.98 -12.07
N GLN A 94 13.93 1.31 -10.80
CA GLN A 94 15.18 0.89 -10.12
C GLN A 94 14.88 -0.10 -9.01
N LEU A 95 13.64 -0.11 -8.50
CA LEU A 95 13.29 -0.99 -7.35
C LEU A 95 12.66 -2.30 -7.85
N ARG A 96 13.31 -3.42 -7.53
CA ARG A 96 12.83 -4.77 -7.93
C ARG A 96 12.91 -5.69 -6.70
N HIS A 97 11.73 -6.12 -6.25
CA HIS A 97 11.49 -6.99 -5.06
C HIS A 97 10.19 -7.78 -5.28
N PRO A 98 10.03 -8.98 -4.67
CA PRO A 98 8.81 -9.79 -4.85
C PRO A 98 7.51 -9.20 -4.28
N HIS A 99 7.62 -8.25 -3.35
CA HIS A 99 6.42 -7.64 -2.73
C HIS A 99 6.20 -6.21 -3.24
N LEU A 100 6.79 -5.89 -4.39
CA LEU A 100 6.62 -4.55 -5.01
C LEU A 100 5.99 -4.78 -6.39
N VAL A 101 5.01 -3.94 -6.77
CA VAL A 101 4.36 -4.09 -8.11
C VAL A 101 5.41 -3.79 -9.18
N LYS A 102 5.38 -4.53 -10.28
CA LYS A 102 6.37 -4.34 -11.37
C LYS A 102 5.88 -3.26 -12.33
N LEU A 103 6.75 -2.29 -12.64
CA LEU A 103 6.41 -1.26 -13.66
C LEU A 103 6.99 -1.77 -14.98
N ILE A 104 6.13 -2.00 -15.97
CA ILE A 104 6.56 -2.52 -17.27
C ILE A 104 7.05 -1.40 -18.17
N GLY A 105 6.34 -0.28 -18.19
CA GLY A 105 6.80 0.86 -18.93
C GLY A 105 5.95 2.09 -18.69
N TYR A 106 6.09 3.06 -19.59
CA TYR A 106 5.43 4.35 -19.40
C TYR A 106 5.20 4.98 -20.76
N CYS A 107 4.40 6.04 -20.75
CA CYS A 107 4.16 6.86 -21.93
C CYS A 107 4.32 8.32 -21.55
N TYR A 108 5.07 9.07 -22.36
CA TYR A 108 5.25 10.51 -22.16
C TYR A 108 5.12 11.11 -23.56
N GLU A 109 3.96 11.69 -23.84
CA GLU A 109 3.60 12.10 -25.20
C GLU A 109 2.79 13.39 -25.11
N ASP A 110 3.45 14.51 -25.38
CA ASP A 110 2.85 15.85 -25.31
C ASP A 110 2.36 16.06 -23.89
N GLU A 111 1.08 16.34 -23.66
CA GLU A 111 0.60 16.60 -22.31
C GLU A 111 0.27 15.34 -21.55
N HIS A 112 0.25 14.18 -22.21
CA HIS A 112 -0.24 12.96 -21.61
C HIS A 112 0.88 12.20 -20.89
N ARG A 113 0.51 11.53 -19.81
CA ARG A 113 1.44 10.70 -19.04
C ARG A 113 0.71 9.41 -18.68
N LEU A 114 1.33 8.27 -18.95
CA LEU A 114 0.71 7.00 -18.58
C LEU A 114 1.77 6.10 -17.99
N LEU A 115 1.30 5.16 -17.19
CA LEU A 115 2.14 4.19 -16.52
C LEU A 115 1.55 2.81 -16.78
N VAL A 116 2.42 1.84 -17.04
CA VAL A 116 2.01 0.47 -17.33
C VAL A 116 2.62 -0.46 -16.30
N TYR A 117 1.76 -1.17 -15.55
CA TYR A 117 2.19 -2.13 -14.54
C TYR A 117 1.75 -3.54 -14.92
N GLU A 118 2.36 -4.52 -14.27
CA GLU A 118 1.79 -5.86 -14.26
C GLU A 118 0.38 -5.83 -13.68
N PHE A 119 -0.51 -6.63 -14.26
CA PHE A 119 -1.88 -6.68 -13.78
C PHE A 119 -1.96 -7.52 -12.51
N MET A 120 -2.40 -6.91 -11.42
CA MET A 120 -2.62 -7.64 -10.17
C MET A 120 -4.07 -8.12 -10.15
N THR A 121 -4.25 -9.44 -10.26
CA THR A 121 -5.54 -10.02 -10.62
C THR A 121 -6.62 -9.82 -9.57
N ARG A 122 -6.26 -9.58 -8.30
CA ARG A 122 -7.30 -9.38 -7.29
C ARG A 122 -7.40 -7.92 -6.84
N GLY A 123 -6.84 -6.99 -7.59
CA GLY A 123 -7.07 -5.60 -7.30
C GLY A 123 -6.49 -5.17 -5.96
N SER A 124 -7.07 -4.10 -5.42
CA SER A 124 -6.51 -3.46 -4.25
C SER A 124 -7.23 -3.93 -2.99
N LEU A 125 -6.50 -3.91 -1.89
CA LEU A 125 -6.94 -4.55 -0.66
C LEU A 125 -8.21 -3.90 -0.12
N GLU A 126 -8.37 -2.58 -0.28
CA GLU A 126 -9.51 -1.92 0.38
C GLU A 126 -10.85 -2.45 -0.15
N LYS A 127 -10.87 -2.95 -1.38
CA LYS A 127 -12.10 -3.47 -1.96
C LYS A 127 -12.46 -4.86 -1.44
N HIS A 128 -11.47 -5.58 -0.90
CA HIS A 128 -11.72 -6.91 -0.30
C HIS A 128 -12.13 -6.72 1.17
N LEU A 129 -11.49 -5.77 1.86
CA LEU A 129 -11.74 -5.50 3.29
C LEU A 129 -13.07 -4.77 3.47
N PHE A 130 -13.34 -3.75 2.63
CA PHE A 130 -14.60 -2.97 2.75
C PHE A 130 -15.41 -3.12 1.46
N SER A 136 -15.00 -11.80 5.62
CA SER A 136 -14.92 -12.41 4.27
C SER A 136 -13.49 -12.87 4.00
N LEU A 137 -12.51 -12.04 4.35
CA LEU A 137 -11.08 -12.40 4.15
C LEU A 137 -10.62 -13.29 5.31
N PRO A 138 -10.24 -14.55 5.05
CA PRO A 138 -9.79 -15.46 6.11
C PRO A 138 -8.62 -14.92 6.95
N TRP A 139 -8.61 -15.26 8.24
CA TRP A 139 -7.54 -14.80 9.17
C TRP A 139 -6.16 -15.13 8.60
N SER A 140 -5.96 -16.35 8.11
CA SER A 140 -4.64 -16.76 7.54
C SER A 140 -4.31 -15.90 6.32
N THR A 141 -5.31 -15.55 5.51
CA THR A 141 -5.09 -14.70 4.31
C THR A 141 -4.68 -13.29 4.77
N ARG A 142 -5.33 -12.77 5.81
CA ARG A 142 -5.03 -11.43 6.29
C ARG A 142 -3.62 -11.36 6.87
N LEU A 143 -3.22 -12.39 7.62
CA LEU A 143 -1.83 -12.47 8.09
C LEU A 143 -0.87 -12.49 6.92
N LYS A 144 -1.19 -13.27 5.88
CA LYS A 144 -0.28 -13.36 4.74
C LYS A 144 -0.14 -12.01 4.05
N ILE A 145 -1.25 -11.29 3.90
CA ILE A 145 -1.20 -9.96 3.29
C ILE A 145 -0.35 -9.02 4.15
N ALA A 146 -0.57 -9.04 5.47
CA ALA A 146 0.18 -8.14 6.36
C ALA A 146 1.67 -8.46 6.34
N ILE A 147 2.03 -9.74 6.19
CA ILE A 147 3.44 -10.10 6.16
C ILE A 147 4.07 -9.66 4.84
N GLY A 148 3.38 -9.90 3.73
CA GLY A 148 3.89 -9.50 2.44
C GLY A 148 4.08 -7.99 2.32
N ALA A 149 3.07 -7.23 2.73
CA ALA A 149 3.21 -5.78 2.70
C ALA A 149 4.37 -5.31 3.58
N ALA A 150 4.56 -5.94 4.74
CA ALA A 150 5.65 -5.58 5.63
C ALA A 150 7.01 -5.87 5.00
N LYS A 151 7.13 -6.99 4.27
CA LYS A 151 8.39 -7.28 3.59
C LYS A 151 8.68 -6.24 2.51
N GLY A 152 7.66 -5.85 1.74
CA GLY A 152 7.86 -4.78 0.77
C GLY A 152 8.34 -3.50 1.41
N LEU A 153 7.72 -3.10 2.54
CA LEU A 153 8.11 -1.86 3.19
C LEU A 153 9.50 -1.97 3.82
N ALA A 154 9.80 -3.14 4.39
CA ALA A 154 11.13 -3.34 5.01
C ALA A 154 12.21 -3.21 3.93
N PHE A 155 11.94 -3.74 2.74
CA PHE A 155 12.90 -3.69 1.60
C PHE A 155 13.20 -2.23 1.25
N LEU A 156 12.17 -1.37 1.25
CA LEU A 156 12.34 0.06 0.90
C LEU A 156 13.17 0.78 1.96
N HIS A 157 12.96 0.43 3.24
CA HIS A 157 13.65 1.10 4.38
C HIS A 157 15.11 0.65 4.49
N GLU A 158 15.42 -0.61 4.16
CA GLU A 158 16.79 -1.13 4.30
C GLU A 158 17.55 -1.03 2.98
N ALA A 159 16.95 -0.39 1.97
CA ALA A 159 17.58 -0.23 0.64
C ALA A 159 18.08 -1.60 0.15
N LYS A 161 20.65 3.33 -0.02
CA LYS A 161 19.72 4.27 -0.69
C LYS A 161 18.29 4.04 -0.14
N PRO A 162 18.04 4.28 1.16
CA PRO A 162 16.72 4.04 1.75
C PRO A 162 15.62 4.87 1.08
N VAL A 163 14.42 4.30 0.98
CA VAL A 163 13.28 5.00 0.33
C VAL A 163 12.10 5.09 1.32
N ILE A 164 11.50 6.27 1.42
CA ILE A 164 10.32 6.47 2.31
C ILE A 164 9.07 6.39 1.42
N TYR A 165 8.23 5.38 1.67
CA TYR A 165 7.01 5.12 0.88
C TYR A 165 6.04 6.31 0.95
N ARG A 166 5.90 6.90 2.15
CA ARG A 166 5.06 8.09 2.45
C ARG A 166 3.54 7.79 2.40
N ASP A 167 3.01 7.34 1.26
CA ASP A 167 1.54 7.12 1.19
C ASP A 167 1.16 5.66 1.43
N PHE A 168 1.53 5.10 2.58
CA PHE A 168 1.17 3.69 2.89
C PHE A 168 -0.27 3.65 3.41
N LYS A 169 -1.18 3.12 2.58
CA LYS A 169 -2.61 3.02 2.93
C LYS A 169 -3.17 1.70 2.39
N THR A 170 -4.40 1.36 2.77
CA THR A 170 -5.01 0.09 2.37
C THR A 170 -5.10 -0.05 0.86
N SER A 171 -5.51 1.01 0.17
CA SER A 171 -5.78 0.90 -1.25
C SER A 171 -4.52 0.82 -2.10
N ASN A 172 -3.34 0.97 -1.50
CA ASN A 172 -2.08 0.85 -2.21
C ASN A 172 -1.46 -0.54 -2.07
N ILE A 173 -2.17 -1.49 -1.44
CA ILE A 173 -1.74 -2.88 -1.42
C ILE A 173 -2.57 -3.64 -2.44
N LEU A 174 -1.90 -4.25 -3.41
CA LEU A 174 -2.51 -5.04 -4.48
C LEU A 174 -2.28 -6.51 -4.19
N LEU A 175 -3.12 -7.34 -4.82
CA LEU A 175 -3.17 -8.76 -4.52
C LEU A 175 -3.16 -9.60 -5.80
N ASP A 176 -2.37 -10.66 -5.83
CA ASP A 176 -2.42 -11.58 -6.96
C ASP A 176 -3.31 -12.76 -6.61
N SER A 177 -3.42 -13.72 -7.53
CA SER A 177 -4.44 -14.78 -7.43
C SER A 177 -4.35 -15.52 -6.11
N ASP A 178 -3.16 -15.65 -5.54
CA ASP A 178 -2.97 -16.31 -4.25
C ASP A 178 -3.03 -15.36 -3.08
N TYR A 179 -3.48 -14.12 -3.30
CA TYR A 179 -3.54 -13.08 -2.28
C TYR A 179 -2.18 -12.66 -1.79
N LYS A 180 -1.14 -12.90 -2.58
CA LYS A 180 0.15 -12.31 -2.29
C LYS A 180 0.02 -10.80 -2.39
N ALA A 181 0.65 -10.08 -1.47
CA ALA A 181 0.46 -8.64 -1.35
C ALA A 181 1.67 -7.90 -1.90
N LYS A 182 1.41 -6.86 -2.69
CA LYS A 182 2.53 -6.09 -3.31
C LYS A 182 2.27 -4.59 -3.13
N LEU A 183 3.30 -3.85 -2.71
CA LEU A 183 3.16 -2.37 -2.58
C LEU A 183 3.08 -1.80 -3.99
N SER A 184 2.20 -0.83 -4.21
CA SER A 184 2.05 -0.21 -5.55
C SER A 184 1.86 1.29 -5.40
N ASP A 185 1.88 2.01 -6.53
CA ASP A 185 1.67 3.48 -6.61
C ASP A 185 2.65 4.44 -5.93
N PHE A 186 3.89 4.49 -6.42
CA PHE A 186 5.01 5.21 -5.74
C PHE A 186 4.91 6.57 -6.45
N GLY A 187 3.79 7.27 -6.30
CA GLY A 187 3.63 8.68 -6.66
C GLY A 187 4.16 9.64 -5.61
N LEU A 188 4.12 9.27 -4.33
CA LEU A 188 4.59 10.19 -3.24
C LEU A 188 5.88 9.65 -2.61
N ALA A 189 6.50 8.65 -3.22
CA ALA A 189 7.75 8.05 -2.70
C ALA A 189 8.87 9.11 -2.65
N LYS A 190 9.71 9.06 -1.61
CA LYS A 190 10.80 10.05 -1.45
C LYS A 190 12.07 9.35 -0.98
N ASP A 191 13.23 9.92 -1.31
CA ASP A 191 14.53 9.37 -0.85
C ASP A 191 14.65 9.68 0.65
N GLY A 192 15.34 8.82 1.40
CA GLY A 192 15.52 9.02 2.85
C GLY A 192 16.57 10.07 3.18
N PRO A 193 16.70 10.49 4.45
CA PRO A 193 17.68 11.52 4.83
C PRO A 193 19.09 11.19 4.34
N ASP A 196 23.51 11.79 7.09
CA ASP A 196 23.81 12.46 8.38
C ASP A 196 22.56 13.18 8.89
N GLU A 197 21.53 13.30 8.05
CA GLU A 197 20.27 13.98 8.45
C GLU A 197 19.40 13.01 9.25
N HIS A 199 15.77 13.64 9.35
CA HIS A 199 14.42 13.72 8.74
C HIS A 199 14.50 14.38 7.38
N VAL A 200 13.40 14.32 6.62
CA VAL A 200 13.31 14.96 5.27
C VAL A 200 12.20 16.01 5.34
N ARG A 203 6.42 18.94 1.80
CA ARG A 203 5.01 19.23 1.94
C ARG A 203 4.30 18.09 2.69
N VAL A 204 3.21 18.40 3.37
CA VAL A 204 2.38 17.36 3.96
C VAL A 204 1.52 16.77 2.84
N MET A 205 1.81 15.55 2.45
CA MET A 205 1.01 14.85 1.45
C MET A 205 0.61 13.51 2.02
N GLY A 206 -0.57 13.07 1.65
CA GLY A 206 -1.02 11.75 2.00
C GLY A 206 -2.52 11.74 2.19
N THR A 207 -2.96 10.76 2.95
CA THR A 207 -4.37 10.41 3.09
C THR A 207 -4.72 10.46 4.57
N GLN A 208 -5.83 11.11 4.91
CA GLN A 208 -6.25 11.20 6.30
C GLN A 208 -6.41 9.82 6.93
N GLY A 209 -5.93 9.66 8.15
CA GLY A 209 -6.00 8.40 8.84
C GLY A 209 -4.77 7.52 8.69
N TYR A 210 -4.03 7.66 7.59
CA TYR A 210 -2.84 6.86 7.43
C TYR A 210 -1.57 7.65 7.60
N ALA A 211 -1.58 8.94 7.29
CA ALA A 211 -0.38 9.74 7.38
C ALA A 211 0.02 9.90 8.84
N ALA A 212 1.32 9.90 9.10
CA ALA A 212 1.81 9.87 10.47
C ALA A 212 1.56 11.21 11.15
N PRO A 213 1.08 11.19 12.41
CA PRO A 213 0.74 12.47 13.08
C PRO A 213 1.91 13.42 13.25
N GLU A 214 3.10 12.92 13.61
CA GLU A 214 4.24 13.83 13.74
C GLU A 214 4.61 14.45 12.39
N TYR A 215 4.39 13.72 11.29
CA TYR A 215 4.65 14.29 9.97
C TYR A 215 3.60 15.36 9.61
N ILE A 216 2.33 15.05 9.83
CA ILE A 216 1.25 16.02 9.56
C ILE A 216 1.50 17.34 10.27
N MET A 217 1.97 17.29 11.52
CA MET A 217 2.04 18.48 12.35
C MET A 217 3.31 19.28 12.14
N THR A 218 4.36 18.68 11.58
CA THR A 218 5.67 19.32 11.47
C THR A 218 6.22 19.39 10.05
N GLY A 219 5.69 18.62 9.11
CA GLY A 219 6.31 18.58 7.78
C GLY A 219 7.62 17.83 7.75
N HIS A 220 7.95 17.09 8.80
CA HIS A 220 9.18 16.32 8.88
C HIS A 220 8.83 14.85 8.68
N LEU A 221 9.41 14.27 7.64
CA LEU A 221 9.12 12.91 7.20
C LEU A 221 10.30 12.01 7.52
N THR A 222 10.02 10.84 8.08
CA THR A 222 11.04 9.80 8.25
C THR A 222 10.44 8.46 7.84
N ALA A 223 11.31 7.44 7.83
CA ALA A 223 10.81 6.09 7.60
C ALA A 223 9.89 5.64 8.72
N LYS A 224 10.07 6.15 9.94
CA LYS A 224 9.13 5.83 11.01
C LYS A 224 7.72 6.32 10.67
N SER A 225 7.61 7.37 9.86
CA SER A 225 6.28 7.80 9.44
C SER A 225 5.54 6.70 8.66
N ASP A 226 6.26 5.96 7.81
CA ASP A 226 5.66 4.83 7.08
C ASP A 226 5.13 3.76 8.04
N VAL A 227 5.84 3.53 9.14
CA VAL A 227 5.46 2.46 10.08
C VAL A 227 4.11 2.77 10.72
N TYR A 228 3.80 4.04 10.94
CA TYR A 228 2.48 4.40 11.45
C TYR A 228 1.38 3.95 10.48
N GLY A 229 1.55 4.24 9.18
CA GLY A 229 0.53 3.85 8.22
C GLY A 229 0.42 2.33 8.11
N TYR A 230 1.56 1.63 8.20
CA TYR A 230 1.50 0.18 8.21
C TYR A 230 0.69 -0.30 9.42
N GLY A 231 0.93 0.31 10.58
CA GLY A 231 0.13 -0.03 11.75
C GLY A 231 -1.35 0.18 11.53
N VAL A 232 -1.72 1.25 10.83
CA VAL A 232 -3.13 1.50 10.57
C VAL A 232 -3.71 0.38 9.70
N VAL A 233 -3.03 0.02 8.61
CA VAL A 233 -3.53 -1.05 7.76
C VAL A 233 -3.64 -2.35 8.54
N LEU A 234 -2.64 -2.67 9.37
CA LEU A 234 -2.73 -3.86 10.21
C LEU A 234 -3.98 -3.78 11.09
N LEU A 235 -4.24 -2.60 11.64
CA LEU A 235 -5.44 -2.41 12.50
C LEU A 235 -6.69 -2.73 11.67
N GLU A 236 -6.74 -2.25 10.43
CA GLU A 236 -7.91 -2.48 9.54
C GLU A 236 -8.08 -3.97 9.26
N LEU A 237 -6.97 -4.69 9.05
CA LEU A 237 -7.04 -6.14 8.76
C LEU A 237 -7.57 -6.89 9.98
N LEU A 238 -7.15 -6.46 11.18
CA LEU A 238 -7.55 -7.14 12.44
C LEU A 238 -9.02 -6.86 12.77
N SER A 239 -9.50 -5.65 12.51
CA SER A 239 -10.86 -5.24 12.94
C SER A 239 -11.89 -5.18 11.81
N GLY A 240 -11.48 -5.19 10.55
CA GLY A 240 -12.48 -5.01 9.52
C GLY A 240 -13.02 -3.60 9.40
N ARG A 241 -12.53 -2.66 10.19
CA ARG A 241 -13.02 -1.28 10.18
C ARG A 241 -12.06 -0.38 9.41
N LYS A 242 -12.62 0.68 8.82
CA LYS A 242 -11.82 1.67 8.06
C LYS A 242 -11.04 2.55 9.04
N ALA A 243 -9.92 3.12 8.61
CA ALA A 243 -9.10 4.00 9.47
C ALA A 243 -9.92 5.22 9.89
N VAL A 244 -10.71 5.78 8.98
CA VAL A 244 -11.57 6.95 9.28
C VAL A 244 -12.99 6.69 8.76
N ASP A 245 -13.99 6.85 9.62
CA ASP A 245 -15.40 6.64 9.22
C ASP A 245 -16.31 7.59 9.99
N LYS A 246 -16.71 8.70 9.36
CA LYS A 246 -17.57 9.72 10.01
C LYS A 246 -19.03 9.24 10.04
N GLU A 252 -14.90 7.74 17.91
CA GLU A 252 -15.23 6.43 17.31
C GLU A 252 -14.99 6.47 15.79
N GLN A 253 -14.82 7.68 15.24
CA GLN A 253 -14.59 7.85 13.78
C GLN A 253 -13.17 7.39 13.44
N SER A 254 -12.20 7.73 14.31
CA SER A 254 -10.78 7.33 14.10
C SER A 254 -10.56 5.94 14.70
N LEU A 255 -10.21 4.97 13.86
CA LEU A 255 -9.98 3.57 14.32
C LEU A 255 -8.84 3.54 15.34
N VAL A 256 -7.72 4.21 15.05
CA VAL A 256 -6.53 4.21 15.95
C VAL A 256 -6.90 4.77 17.33
N GLU A 257 -7.43 5.98 17.38
CA GLU A 257 -7.78 6.63 18.67
C GLU A 257 -8.76 5.75 19.47
N TRP A 258 -9.80 5.23 18.80
CA TRP A 258 -10.81 4.39 19.49
C TRP A 258 -10.22 3.06 19.98
N ALA A 259 -9.56 2.32 19.09
CA ALA A 259 -9.02 0.99 19.42
C ALA A 259 -7.63 1.09 20.07
N ARG A 260 -7.08 2.29 20.21
CA ARG A 260 -5.70 2.46 20.75
C ARG A 260 -5.49 1.69 22.04
N PRO A 261 -6.24 1.94 23.32
CA PRO A 261 -6.15 1.39 24.69
C PRO A 261 -6.63 -0.05 24.80
N TYR A 262 -7.20 -0.64 23.76
CA TYR A 262 -7.67 -2.02 23.82
C TYR A 262 -6.69 -3.04 23.25
N LEU A 263 -5.57 -2.60 22.68
CA LEU A 263 -4.72 -3.53 21.94
C LEU A 263 -3.68 -4.25 22.81
N THR A 264 -3.38 -3.75 24.01
CA THR A 264 -2.33 -4.30 24.86
C THR A 264 -2.79 -5.47 25.74
N ASP A 265 -4.08 -5.73 25.84
CA ASP A 265 -4.61 -6.70 26.80
C ASP A 265 -5.34 -7.80 26.04
N ALA A 266 -4.77 -9.02 26.07
CA ALA A 266 -5.37 -10.12 25.32
C ALA A 266 -6.80 -10.42 25.75
N ARG A 267 -7.21 -9.97 26.95
CA ARG A 267 -8.56 -10.19 27.42
C ARG A 267 -9.58 -9.30 26.71
N ARG A 268 -9.15 -8.20 26.11
CA ARG A 268 -10.04 -7.26 25.45
C ARG A 268 -10.11 -7.47 23.94
N LEU A 269 -9.60 -8.60 23.43
CA LEU A 269 -9.51 -8.81 21.98
C LEU A 269 -10.88 -8.74 21.32
N ASP A 270 -11.94 -9.16 22.03
CA ASP A 270 -13.27 -9.18 21.45
C ASP A 270 -13.75 -7.79 21.06
N ARG A 271 -13.22 -6.74 21.66
CA ARG A 271 -13.65 -5.40 21.30
C ARG A 271 -12.95 -4.84 20.07
N VAL A 272 -11.90 -5.49 19.57
CA VAL A 272 -11.21 -4.96 18.39
C VAL A 272 -11.23 -5.94 17.21
N MET A 273 -11.25 -7.24 17.50
CA MET A 273 -11.20 -8.22 16.42
C MET A 273 -12.50 -8.25 15.64
N ASP A 274 -12.38 -8.21 14.32
CA ASP A 274 -13.46 -8.37 13.35
C ASP A 274 -14.35 -9.52 13.84
N PRO A 275 -15.66 -9.32 13.97
CA PRO A 275 -16.53 -10.43 14.41
C PRO A 275 -16.60 -11.53 13.37
N SER A 276 -16.48 -11.19 12.08
CA SER A 276 -16.37 -12.16 11.02
C SER A 276 -15.15 -13.06 11.16
N LEU A 277 -14.19 -12.68 12.02
CA LEU A 277 -13.09 -13.54 12.44
C LEU A 277 -13.48 -14.00 13.84
N ALA A 278 -13.90 -15.24 13.94
CA ALA A 278 -14.32 -15.79 15.24
C ALA A 278 -14.02 -17.27 15.16
N GLY A 279 -13.14 -17.74 16.04
CA GLY A 279 -12.70 -19.11 16.00
C GLY A 279 -11.60 -19.39 15.01
N GLN A 280 -11.25 -18.43 14.15
CA GLN A 280 -10.18 -18.67 13.19
C GLN A 280 -8.81 -18.40 13.79
N TYR A 281 -8.72 -17.52 14.78
CA TYR A 281 -7.43 -17.14 15.34
C TYR A 281 -7.29 -17.66 16.75
N SER A 282 -6.05 -18.01 17.09
CA SER A 282 -5.72 -18.24 18.48
C SER A 282 -5.63 -16.91 19.22
N THR A 283 -5.85 -16.95 20.52
CA THR A 283 -5.73 -15.74 21.31
C THR A 283 -4.32 -15.18 21.23
N ARG A 284 -3.32 -16.06 21.16
CA ARG A 284 -1.94 -15.59 21.16
C ARG A 284 -1.60 -14.89 19.85
N ALA A 285 -2.06 -15.44 18.72
CA ALA A 285 -1.72 -14.85 17.43
C ALA A 285 -2.37 -13.48 17.27
N ALA A 286 -3.67 -13.38 17.60
CA ALA A 286 -4.33 -12.08 17.45
C ALA A 286 -3.77 -11.06 18.43
N HIS A 287 -3.47 -11.49 19.66
CA HIS A 287 -2.89 -10.58 20.65
C HIS A 287 -1.54 -10.07 20.21
N LYS A 288 -0.70 -10.93 19.65
CA LYS A 288 0.62 -10.48 19.20
C LYS A 288 0.50 -9.57 17.99
N ALA A 289 -0.39 -9.90 17.05
CA ALA A 289 -0.65 -8.97 15.95
C ALA A 289 -1.16 -7.64 16.47
N ALA A 290 -2.07 -7.69 17.45
CA ALA A 290 -2.64 -6.44 17.97
C ALA A 290 -1.57 -5.62 18.67
N ALA A 291 -0.70 -6.28 19.43
CA ALA A 291 0.40 -5.57 20.08
C ALA A 291 1.38 -4.99 19.05
N VAL A 292 1.62 -5.70 17.94
CA VAL A 292 2.48 -5.15 16.90
C VAL A 292 1.86 -3.89 16.31
N ALA A 293 0.55 -3.94 16.02
CA ALA A 293 -0.20 -2.77 15.56
C ALA A 293 -0.05 -1.61 16.53
N HIS A 294 -0.26 -1.89 17.82
CA HIS A 294 -0.20 -0.86 18.84
C HIS A 294 1.17 -0.17 18.86
N GLN A 295 2.25 -0.94 18.78
CA GLN A 295 3.57 -0.31 18.74
C GLN A 295 3.76 0.51 17.47
N CYS A 296 3.25 0.03 16.34
CA CYS A 296 3.40 0.76 15.08
C CYS A 296 2.65 2.09 15.08
N VAL A 297 1.52 2.21 15.77
CA VAL A 297 0.75 3.45 15.74
C VAL A 297 1.09 4.35 16.94
N ALA A 298 2.21 4.08 17.61
CA ALA A 298 2.64 4.95 18.69
C ALA A 298 2.78 6.37 18.17
N LEU A 299 2.42 7.33 19.00
CA LEU A 299 2.49 8.72 18.58
C LEU A 299 3.91 9.27 18.65
N ASN A 300 4.77 8.68 19.50
CA ASN A 300 6.21 8.94 19.50
C ASN A 300 6.86 8.09 18.42
N PRO A 301 7.34 8.69 17.32
CA PRO A 301 7.91 7.87 16.23
C PRO A 301 9.10 7.03 16.68
N LYS A 302 9.88 7.51 17.65
CA LYS A 302 11.00 6.71 18.17
C LYS A 302 10.54 5.40 18.82
N SER A 303 9.26 5.26 19.16
CA SER A 303 8.75 4.04 19.78
C SER A 303 8.34 2.98 18.76
N ARG A 304 8.15 3.36 17.51
CA ARG A 304 7.70 2.41 16.51
C ARG A 304 8.83 1.44 16.17
N PRO A 305 8.48 0.20 15.82
CA PRO A 305 9.52 -0.78 15.45
C PRO A 305 10.03 -0.53 14.03
N HIS A 306 11.22 -1.06 13.77
CA HIS A 306 11.66 -1.21 12.39
C HIS A 306 10.78 -2.24 11.70
N MET A 307 10.59 -2.06 10.40
CA MET A 307 9.71 -2.97 9.67
C MET A 307 10.26 -4.40 9.65
N SER A 308 11.58 -4.58 9.71
CA SER A 308 12.12 -5.94 9.70
C SER A 308 11.80 -6.68 10.99
N ALA A 309 11.75 -5.96 12.12
CA ALA A 309 11.22 -6.54 13.34
C ALA A 309 9.72 -6.86 13.24
N VAL A 310 8.97 -6.07 12.48
CA VAL A 310 7.55 -6.39 12.25
C VAL A 310 7.41 -7.70 11.48
N VAL A 311 8.22 -7.88 10.44
CA VAL A 311 8.22 -9.14 9.69
C VAL A 311 8.54 -10.30 10.63
N ASP A 312 9.52 -10.13 11.51
CA ASP A 312 9.93 -11.21 12.41
C ASP A 312 8.87 -11.52 13.46
N ALA A 313 8.10 -10.52 13.89
CA ALA A 313 7.03 -10.80 14.87
C ALA A 313 5.86 -11.52 14.23
N LEU A 314 5.52 -11.19 12.98
CA LEU A 314 4.29 -11.65 12.34
C LEU A 314 4.45 -12.99 11.63
N GLU A 315 5.60 -13.24 11.01
CA GLU A 315 5.79 -14.46 10.23
C GLU A 315 5.45 -15.73 11.01
N PRO A 316 5.92 -15.93 12.25
CA PRO A 316 5.54 -17.15 12.97
C PRO A 316 4.05 -17.32 13.13
N LEU A 317 3.27 -16.22 13.21
CA LEU A 317 1.84 -16.36 13.43
C LEU A 317 1.16 -17.14 12.32
N LEU A 318 1.80 -17.26 11.17
CA LEU A 318 1.22 -18.01 10.06
C LEU A 318 1.45 -19.51 10.18
N ALA A 319 2.49 -19.93 10.88
CA ALA A 319 2.74 -21.36 11.12
C ALA A 319 1.54 -22.06 11.77
#